data_3FP5
#
_entry.id   3FP5
#
_cell.length_a   32.500
_cell.length_b   41.024
_cell.length_c   82.463
_cell.angle_alpha   90.00
_cell.angle_beta   90.00
_cell.angle_gamma   90.00
#
_symmetry.space_group_name_H-M   'P 21 21 21'
#
loop_
_entity.id
_entity.type
_entity.pdbx_description
1 polymer 'Acyl-CoA Binding Protein'
2 non-polymer 'ZINC ION'
3 non-polymer '2-(N-MORPHOLINO)-ETHANESULFONIC ACID'
4 water water
#
_entity_poly.entity_id   1
_entity_poly.type   'polypeptide(L)'
_entity_poly.pdbx_seq_one_letter_code
;SHMSKAKFDKAVEIVQSLPKDGPIKPTQDEQLYFYKYFKQATVGDVNISRPGLMDFTGKAKWDAWKSVEGTSKEVAYQKY
VEKLLEILKKADTEESKKYIAEIEAA
;
_entity_poly.pdbx_strand_id   A
#
# COMPACT_ATOMS: atom_id res chain seq x y z
N SER A 1 -1.55 10.52 -13.10
CA SER A 1 -3.01 10.58 -13.19
C SER A 1 -3.67 10.84 -11.84
N HIS A 2 -4.81 11.52 -11.88
CA HIS A 2 -5.59 11.85 -10.69
C HIS A 2 -6.01 10.59 -9.93
N MET A 3 -5.79 10.59 -8.63
CA MET A 3 -6.35 9.56 -7.76
C MET A 3 -6.94 10.24 -6.54
N SER A 4 -8.18 9.89 -6.20
CA SER A 4 -8.87 10.48 -5.06
C SER A 4 -8.48 9.83 -3.74
N LYS A 5 -8.57 10.60 -2.66
CA LYS A 5 -8.36 10.05 -1.33
C LYS A 5 -9.37 8.93 -1.08
N ALA A 6 -10.57 9.07 -1.61
CA ALA A 6 -11.61 8.06 -1.38
C ALA A 6 -11.21 6.70 -1.95
N LYS A 7 -10.65 6.70 -3.15
CA LYS A 7 -10.22 5.43 -3.73
C LYS A 7 -9.02 4.85 -2.96
N PHE A 8 -8.10 5.71 -2.54
CA PHE A 8 -7.02 5.28 -1.65
C PHE A 8 -7.59 4.65 -0.37
N ASP A 9 -8.54 5.32 0.27
CA ASP A 9 -9.07 4.82 1.54
C ASP A 9 -9.76 3.45 1.33
N LYS A 10 -10.47 3.30 0.23
CA LYS A 10 -11.10 2.00 -0.07
C LYS A 10 -10.03 0.92 -0.27
N ALA A 11 -8.98 1.23 -1.01
CA ALA A 11 -7.87 0.31 -1.22
C ALA A 11 -7.24 -0.13 0.12
N VAL A 12 -7.02 0.83 1.02
CA VAL A 12 -6.46 0.54 2.34
C VAL A 12 -7.37 -0.43 3.12
N GLU A 13 -8.67 -0.16 3.10
CA GLU A 13 -9.63 -1.04 3.77
C GLU A 13 -9.52 -2.46 3.23
N ILE A 14 -9.40 -2.58 1.91
CA ILE A 14 -9.28 -3.89 1.27
C ILE A 14 -7.98 -4.58 1.67
N VAL A 15 -6.86 -3.87 1.56
CA VAL A 15 -5.57 -4.43 1.92
C VAL A 15 -5.56 -4.90 3.37
N GLN A 16 -6.10 -4.08 4.26
CA GLN A 16 -6.17 -4.46 5.69
C GLN A 16 -7.04 -5.69 5.92
N SER A 17 -7.95 -5.94 4.97
CA SER A 17 -8.95 -7.00 5.09
C SER A 17 -8.41 -8.37 4.72
N LEU A 18 -7.34 -8.39 3.93
CA LEU A 18 -6.78 -9.63 3.41
C LEU A 18 -6.13 -10.48 4.52
N PRO A 19 -6.48 -11.78 4.57
CA PRO A 19 -5.86 -12.74 5.50
C PRO A 19 -4.42 -13.07 5.12
N LYS A 20 -3.60 -13.45 6.08
CA LYS A 20 -2.21 -13.78 5.78
C LYS A 20 -2.13 -14.96 4.81
N ASP A 21 -3.06 -15.90 4.98
CA ASP A 21 -3.17 -17.05 4.09
C ASP A 21 -4.48 -16.91 3.33
N GLY A 22 -4.39 -16.77 2.01
CA GLY A 22 -5.58 -16.62 1.19
C GLY A 22 -5.24 -16.57 -0.28
N PRO A 23 -6.27 -16.63 -1.14
CA PRO A 23 -6.12 -16.58 -2.60
C PRO A 23 -5.70 -15.20 -3.11
N ILE A 24 -5.95 -14.15 -2.33
CA ILE A 24 -5.48 -12.82 -2.70
C ILE A 24 -4.42 -12.41 -1.70
N LYS A 25 -3.16 -12.56 -2.09
CA LYS A 25 -2.06 -12.45 -1.14
C LYS A 25 -0.91 -11.62 -1.70
N PRO A 26 -0.71 -10.42 -1.16
CA PRO A 26 0.45 -9.62 -1.54
C PRO A 26 1.73 -10.33 -1.11
N THR A 27 2.77 -10.24 -1.93
CA THR A 27 4.07 -10.78 -1.54
C THR A 27 4.71 -9.90 -0.47
N GLN A 28 5.81 -10.38 0.09
CA GLN A 28 6.54 -9.62 1.09
C GLN A 28 6.93 -8.26 0.53
N ASP A 29 7.48 -8.26 -0.68
CA ASP A 29 7.86 -7.03 -1.37
C ASP A 29 6.67 -6.11 -1.61
N GLU A 30 5.53 -6.70 -1.95
CA GLU A 30 4.32 -5.93 -2.20
C GLU A 30 3.80 -5.28 -0.90
N GLN A 31 3.97 -5.95 0.23
CA GLN A 31 3.52 -5.39 1.48
C GLN A 31 4.40 -4.19 1.87
N LEU A 32 5.69 -4.29 1.62
CA LEU A 32 6.58 -3.14 1.83
C LEU A 32 6.18 -1.98 0.91
N TYR A 33 5.76 -2.31 -0.31
CA TYR A 33 5.34 -1.30 -1.27
C TYR A 33 4.08 -0.60 -0.78
N PHE A 34 3.11 -1.39 -0.32
CA PHE A 34 1.92 -0.82 0.29
C PHE A 34 2.27 0.03 1.51
N TYR A 35 3.20 -0.46 2.33
CA TYR A 35 3.57 0.26 3.56
C TYR A 35 4.11 1.64 3.22
N LYS A 36 5.07 1.68 2.29
CA LYS A 36 5.78 2.93 2.05
C LYS A 36 4.82 3.98 1.50
N TYR A 37 3.92 3.58 0.61
CA TYR A 37 2.96 4.55 0.08
C TYR A 37 1.83 4.86 1.05
N PHE A 38 1.48 3.90 1.91
CA PHE A 38 0.52 4.19 2.96
C PHE A 38 1.02 5.32 3.87
N LYS A 39 2.27 5.20 4.35
CA LYS A 39 2.84 6.24 5.18
C LYS A 39 2.96 7.55 4.40
N GLN A 40 3.46 7.47 3.17
CA GLN A 40 3.67 8.68 2.37
C GLN A 40 2.35 9.40 2.06
N ALA A 41 1.27 8.63 1.94
CA ALA A 41 -0.04 9.19 1.62
C ALA A 41 -0.73 9.83 2.82
N THR A 42 -0.36 9.39 4.01
CA THR A 42 -1.07 9.81 5.21
C THR A 42 -0.21 10.75 6.05
N VAL A 43 0.96 10.27 6.44
CA VAL A 43 1.89 11.07 7.24
C VAL A 43 2.71 12.04 6.38
N GLY A 44 3.07 11.58 5.19
CA GLY A 44 3.94 12.34 4.31
C GLY A 44 5.37 11.86 4.48
N ASP A 45 6.33 12.77 4.28
CA ASP A 45 7.75 12.41 4.37
C ASP A 45 8.10 11.77 5.72
N VAL A 46 9.00 10.80 5.67
CA VAL A 46 9.43 10.09 6.87
C VAL A 46 9.85 11.09 7.95
N ASN A 47 9.34 10.88 9.16
CA ASN A 47 9.45 11.85 10.24
C ASN A 47 10.10 11.31 11.52
N ILE A 48 10.74 10.15 11.40
CA ILE A 48 11.45 9.54 12.53
C ILE A 48 12.81 9.03 12.06
N SER A 49 13.71 8.80 13.01
N SER A 49 13.71 8.80 13.01
CA SER A 49 15.02 8.24 12.69
CA SER A 49 15.01 8.24 12.68
C SER A 49 14.90 6.74 12.42
C SER A 49 14.89 6.74 12.41
N ARG A 50 15.86 6.19 11.70
CA ARG A 50 15.85 4.77 11.38
C ARG A 50 15.96 3.96 12.66
N PRO A 51 15.14 2.90 12.78
CA PRO A 51 15.26 2.02 13.95
C PRO A 51 16.63 1.36 14.03
N GLY A 52 16.93 0.78 15.18
CA GLY A 52 18.20 0.09 15.39
C GLY A 52 18.41 -1.09 14.45
N LEU A 53 19.67 -1.51 14.34
CA LEU A 53 20.05 -2.55 13.39
C LEU A 53 19.33 -3.89 13.65
N MET A 54 18.98 -4.13 14.91
CA MET A 54 18.40 -5.42 15.28
C MET A 54 16.86 -5.38 15.20
N ASP A 55 16.31 -4.24 14.81
N ASP A 55 16.32 -4.23 14.83
CA ASP A 55 14.88 -4.15 14.57
CA ASP A 55 14.91 -4.11 14.53
C ASP A 55 14.64 -4.44 13.11
C ASP A 55 14.76 -4.42 13.07
N PHE A 56 14.75 -5.71 12.73
CA PHE A 56 14.72 -6.11 11.32
C PHE A 56 13.48 -5.62 10.61
N THR A 57 12.33 -5.89 11.21
CA THR A 57 11.07 -5.48 10.61
C THR A 57 10.95 -3.96 10.51
N GLY A 58 11.24 -3.29 11.63
CA GLY A 58 11.15 -1.84 11.68
C GLY A 58 12.06 -1.13 10.70
N LYS A 59 13.30 -1.61 10.58
CA LYS A 59 14.25 -0.92 9.70
C LYS A 59 13.92 -1.14 8.22
N ALA A 60 13.35 -2.29 7.89
CA ALA A 60 12.94 -2.58 6.51
C ALA A 60 11.80 -1.64 6.12
N LYS A 61 10.83 -1.48 7.01
CA LYS A 61 9.74 -0.55 6.79
C LYS A 61 10.25 0.88 6.65
N TRP A 62 11.18 1.28 7.52
CA TRP A 62 11.70 2.63 7.49
C TRP A 62 12.40 2.90 6.16
N ASP A 63 13.27 1.97 5.76
CA ASP A 63 13.98 2.10 4.49
C ASP A 63 13.02 2.32 3.31
N ALA A 64 11.94 1.53 3.28
CA ALA A 64 10.95 1.66 2.22
C ALA A 64 10.32 3.05 2.21
N TRP A 65 9.85 3.48 3.38
CA TRP A 65 9.28 4.81 3.54
C TRP A 65 10.28 5.91 3.13
N LYS A 66 11.51 5.82 3.62
CA LYS A 66 12.53 6.80 3.28
C LYS A 66 12.72 6.87 1.76
N SER A 67 12.62 5.72 1.09
CA SER A 67 12.87 5.66 -0.36
C SER A 67 11.85 6.44 -1.21
N VAL A 68 10.71 6.80 -0.62
CA VAL A 68 9.72 7.58 -1.35
C VAL A 68 9.60 9.01 -0.83
N GLU A 69 10.58 9.45 -0.05
CA GLU A 69 10.62 10.83 0.41
C GLU A 69 10.50 11.76 -0.80
N GLY A 70 9.69 12.80 -0.67
CA GLY A 70 9.53 13.77 -1.75
C GLY A 70 8.31 13.50 -2.63
N THR A 71 7.70 12.33 -2.45
CA THR A 71 6.52 11.97 -3.25
C THR A 71 5.27 12.65 -2.69
N SER A 72 4.44 13.18 -3.57
CA SER A 72 3.23 13.88 -3.15
C SER A 72 2.22 12.87 -2.62
N LYS A 73 1.28 13.33 -1.80
CA LYS A 73 0.23 12.43 -1.33
C LYS A 73 -0.55 11.88 -2.52
N GLU A 74 -0.80 12.70 -3.54
CA GLU A 74 -1.59 12.19 -4.64
C GLU A 74 -0.89 11.08 -5.41
N VAL A 75 0.41 11.20 -5.62
CA VAL A 75 1.13 10.11 -6.27
C VAL A 75 1.10 8.86 -5.38
N ALA A 76 1.24 9.07 -4.07
CA ALA A 76 1.16 7.97 -3.10
C ALA A 76 -0.19 7.26 -3.21
N TYR A 77 -1.28 8.05 -3.25
CA TYR A 77 -2.62 7.48 -3.47
C TYR A 77 -2.64 6.62 -4.72
N GLN A 78 -2.11 7.17 -5.81
CA GLN A 78 -2.16 6.52 -7.11
C GLN A 78 -1.37 5.21 -7.10
N LYS A 79 -0.13 5.27 -6.62
CA LYS A 79 0.73 4.10 -6.57
C LYS A 79 0.15 2.98 -5.72
N TYR A 80 -0.44 3.35 -4.58
CA TYR A 80 -1.03 2.38 -3.66
C TYR A 80 -2.22 1.69 -4.33
N VAL A 81 -3.15 2.48 -4.85
CA VAL A 81 -4.33 1.92 -5.51
C VAL A 81 -3.93 1.05 -6.69
N GLU A 82 -3.04 1.56 -7.54
CA GLU A 82 -2.60 0.81 -8.69
C GLU A 82 -1.92 -0.53 -8.35
N LYS A 83 -1.13 -0.56 -7.27
CA LYS A 83 -0.52 -1.81 -6.85
C LYS A 83 -1.58 -2.83 -6.45
N LEU A 84 -2.60 -2.38 -5.73
CA LEU A 84 -3.68 -3.30 -5.35
C LEU A 84 -4.42 -3.79 -6.60
N LEU A 85 -4.70 -2.88 -7.53
CA LEU A 85 -5.38 -3.30 -8.76
C LEU A 85 -4.56 -4.33 -9.52
N GLU A 86 -3.26 -4.11 -9.61
CA GLU A 86 -2.34 -5.04 -10.25
C GLU A 86 -2.50 -6.42 -9.61
N ILE A 87 -2.44 -6.45 -8.29
CA ILE A 87 -2.52 -7.70 -7.54
C ILE A 87 -3.86 -8.39 -7.72
N LEU A 88 -4.94 -7.62 -7.72
CA LEU A 88 -6.28 -8.19 -7.87
C LEU A 88 -6.43 -8.76 -9.27
N LYS A 89 -5.87 -8.06 -10.25
CA LYS A 89 -5.98 -8.53 -11.63
C LYS A 89 -5.21 -9.83 -11.83
N LYS A 90 -4.04 -9.92 -11.22
CA LYS A 90 -3.22 -11.12 -11.26
C LYS A 90 -3.90 -12.30 -10.53
N ALA A 91 -4.58 -12.02 -9.43
CA ALA A 91 -5.29 -13.07 -8.69
C ALA A 91 -6.40 -13.64 -9.56
N ASP A 92 -7.14 -12.75 -10.22
CA ASP A 92 -8.06 -13.14 -11.27
C ASP A 92 -9.12 -14.13 -10.80
N THR A 93 -9.79 -13.79 -9.70
CA THR A 93 -10.91 -14.58 -9.20
C THR A 93 -12.16 -13.72 -9.18
N GLU A 94 -13.31 -14.34 -8.99
CA GLU A 94 -14.54 -13.57 -8.91
C GLU A 94 -14.48 -12.65 -7.69
N GLU A 95 -13.79 -13.11 -6.64
CA GLU A 95 -13.62 -12.29 -5.45
C GLU A 95 -12.77 -11.06 -5.76
N SER A 96 -11.64 -11.25 -6.44
CA SER A 96 -10.78 -10.12 -6.79
C SER A 96 -11.50 -9.16 -7.75
N LYS A 97 -12.30 -9.72 -8.66
CA LYS A 97 -13.07 -8.85 -9.57
C LYS A 97 -14.05 -7.95 -8.81
N LYS A 98 -14.65 -8.50 -7.76
CA LYS A 98 -15.55 -7.74 -6.91
C LYS A 98 -14.82 -6.59 -6.22
N TYR A 99 -13.59 -6.84 -5.76
CA TYR A 99 -12.79 -5.81 -5.11
C TYR A 99 -12.43 -4.70 -6.10
N ILE A 100 -12.03 -5.10 -7.30
CA ILE A 100 -11.76 -4.14 -8.36
C ILE A 100 -12.99 -3.26 -8.58
N ALA A 101 -14.16 -3.90 -8.65
CA ALA A 101 -15.40 -3.15 -8.84
C ALA A 101 -15.69 -2.15 -7.72
N GLU A 102 -15.35 -2.52 -6.48
CA GLU A 102 -15.58 -1.63 -5.33
C GLU A 102 -14.65 -0.42 -5.38
N ILE A 103 -13.41 -0.65 -5.78
CA ILE A 103 -12.46 0.45 -5.97
C ILE A 103 -12.96 1.39 -7.07
N GLU A 104 -13.39 0.86 -8.15
CA GLU A 104 -13.91 1.66 -9.27
C GLU A 104 -15.08 2.55 -8.87
N ALA A 105 -15.92 2.05 -8.00
CA ALA A 105 -17.14 2.76 -7.61
C ALA A 105 -16.92 3.70 -6.42
N ALA A 106 -15.71 3.69 -5.86
N ALA A 106 -15.72 3.70 -5.85
CA ALA A 106 -15.38 4.51 -4.70
CA ALA A 106 -15.47 4.44 -4.60
C ALA A 106 -15.21 5.98 -5.06
C ALA A 106 -15.06 5.90 -4.83
#